data_3GGN
#
_entry.id   3GGN
#
_cell.length_a   48.498
_cell.length_b   56.286
_cell.length_c   51.277
_cell.angle_alpha   90.00
_cell.angle_beta   106.23
_cell.angle_gamma   90.00
#
_symmetry.space_group_name_H-M   'P 1 21 1'
#
loop_
_entity.id
_entity.type
_entity.pdbx_description
1 polymer 'Uncharacterized protein DR_A0006'
2 water water
#
_entity_poly.entity_id   1
_entity_poly.type   'polypeptide(L)'
_entity_poly.pdbx_seq_one_letter_code
;MGETVVRDAVTIGKPAEQLYAVWRDLPGLPLLMTHLRSVEVLDDKRSRWTVEAPAPLGTVSWEAELTADEPGKRIAWRSL
PGARIENSGEVLFRPAPGARGTEVVVRLTYRPPGGSAGAVIARMFNQEPSQQLRDDLMRFKREQELGLEHHHHHH
;
_entity_poly.pdbx_strand_id   A,B
#
# COMPACT_ATOMS: atom_id res chain seq x y z
N THR A 4 -0.25 -12.57 23.44
CA THR A 4 -0.41 -11.11 23.19
C THR A 4 -1.61 -10.84 22.28
N VAL A 5 -2.21 -9.66 22.43
CA VAL A 5 -3.37 -9.29 21.65
C VAL A 5 -3.18 -7.93 20.97
N VAL A 6 -3.56 -7.86 19.70
CA VAL A 6 -3.46 -6.62 18.93
C VAL A 6 -4.85 -6.32 18.43
N ARG A 7 -5.35 -5.13 18.72
CA ARG A 7 -6.71 -4.77 18.33
C ARG A 7 -6.81 -3.33 17.84
N ASP A 8 -7.43 -3.15 16.69
CA ASP A 8 -7.59 -1.81 16.12
C ASP A 8 -8.85 -1.77 15.26
N ALA A 9 -9.27 -0.56 14.90
CA ALA A 9 -10.47 -0.41 14.09
C ALA A 9 -10.42 0.86 13.25
N VAL A 10 -11.10 0.84 12.11
CA VAL A 10 -11.16 2.00 11.23
C VAL A 10 -12.52 2.00 10.56
N THR A 11 -13.07 3.18 10.33
CA THR A 11 -14.38 3.31 9.69
C THR A 11 -14.17 3.74 8.25
N ILE A 12 -14.79 3.02 7.33
CA ILE A 12 -14.63 3.29 5.90
C ILE A 12 -15.96 3.55 5.21
N GLY A 13 -15.97 4.57 4.35
CA GLY A 13 -17.19 4.90 3.63
C GLY A 13 -17.49 3.98 2.48
N LYS A 14 -17.52 2.68 2.74
CA LYS A 14 -17.82 1.69 1.71
C LYS A 14 -18.70 0.58 2.28
N PRO A 15 -19.44 -0.13 1.41
CA PRO A 15 -20.32 -1.22 1.82
C PRO A 15 -19.53 -2.31 2.53
N ALA A 16 -20.16 -2.99 3.49
CA ALA A 16 -19.48 -4.06 4.22
C ALA A 16 -19.16 -5.24 3.29
N GLU A 17 -20.03 -5.49 2.34
CA GLU A 17 -19.83 -6.60 1.40
C GLU A 17 -18.57 -6.40 0.58
N GLN A 18 -18.29 -5.16 0.25
CA GLN A 18 -17.12 -4.84 -0.56
C GLN A 18 -15.82 -4.98 0.21
N LEU A 19 -15.81 -4.54 1.47
CA LEU A 19 -14.63 -4.65 2.29
C LEU A 19 -14.38 -6.12 2.63
N TYR A 20 -15.46 -6.87 2.87
CA TYR A 20 -15.36 -8.29 3.18
C TYR A 20 -14.60 -9.03 2.06
N ALA A 21 -15.03 -8.84 0.83
CA ALA A 21 -14.40 -9.51 -0.30
C ALA A 21 -12.89 -9.27 -0.39
N VAL A 22 -12.45 -8.11 0.05
CA VAL A 22 -11.03 -7.80 0.01
C VAL A 22 -10.28 -8.71 0.98
N TRP A 23 -10.81 -8.87 2.17
CA TRP A 23 -10.18 -9.69 3.18
C TRP A 23 -10.31 -11.19 2.96
N ARG A 24 -11.43 -11.61 2.36
CA ARG A 24 -11.65 -13.03 2.12
C ARG A 24 -10.69 -13.65 1.10
N ASP A 25 -10.03 -12.79 0.32
CA ASP A 25 -9.02 -13.23 -0.63
C ASP A 25 -7.75 -13.34 0.21
N LEU A 26 -7.55 -14.53 0.78
CA LEU A 26 -6.41 -14.77 1.67
C LEU A 26 -5.01 -14.49 1.15
N PRO A 27 -4.73 -14.85 -0.12
CA PRO A 27 -3.39 -14.59 -0.66
C PRO A 27 -3.04 -13.11 -0.64
N GLY A 28 -4.05 -12.26 -0.59
CA GLY A 28 -3.82 -10.83 -0.56
C GLY A 28 -3.67 -10.24 0.84
N LEU A 29 -3.88 -11.04 1.88
CA LEU A 29 -3.78 -10.54 3.25
C LEU A 29 -2.48 -9.83 3.63
N PRO A 30 -1.34 -10.29 3.09
CA PRO A 30 -0.06 -9.64 3.42
C PRO A 30 -0.01 -8.17 3.02
N LEU A 31 -0.96 -7.74 2.18
CA LEU A 31 -1.03 -6.34 1.78
C LEU A 31 -1.73 -5.57 2.89
N LEU A 32 -2.74 -6.20 3.48
CA LEU A 32 -3.51 -5.58 4.56
C LEU A 32 -2.80 -5.69 5.89
N MET A 33 -2.20 -6.85 6.15
CA MET A 33 -1.47 -7.07 7.40
C MET A 33 -0.02 -7.31 7.00
N THR A 34 0.70 -6.21 6.81
CA THR A 34 2.08 -6.27 6.36
C THR A 34 3.11 -7.03 7.19
N HIS A 35 2.71 -7.56 8.35
CA HIS A 35 3.66 -8.33 9.14
C HIS A 35 3.69 -9.75 8.58
N LEU A 36 2.80 -10.03 7.63
CA LEU A 36 2.73 -11.34 6.98
C LEU A 36 3.50 -11.32 5.67
N ARG A 37 4.17 -12.41 5.34
CA ARG A 37 4.93 -12.49 4.10
C ARG A 37 4.09 -13.11 3.00
N SER A 38 3.32 -14.13 3.35
CA SER A 38 2.47 -14.79 2.36
C SER A 38 1.43 -15.70 3.00
N VAL A 39 0.31 -15.89 2.28
CA VAL A 39 -0.76 -16.77 2.72
C VAL A 39 -1.18 -17.53 1.48
N GLU A 40 -1.12 -18.86 1.57
CA GLU A 40 -1.46 -19.73 0.47
C GLU A 40 -2.67 -20.61 0.80
N VAL A 41 -3.62 -20.68 -0.13
CA VAL A 41 -4.80 -21.50 0.09
C VAL A 41 -4.46 -22.96 -0.13
N LEU A 42 -4.74 -23.81 0.86
CA LEU A 42 -4.44 -25.23 0.73
C LEU A 42 -5.74 -25.96 0.37
N ASP A 43 -6.86 -25.49 0.91
CA ASP A 43 -8.18 -26.04 0.62
C ASP A 43 -9.25 -25.06 1.13
N ASP A 44 -10.52 -25.45 1.02
CA ASP A 44 -11.62 -24.59 1.45
C ASP A 44 -11.45 -23.94 2.82
N LYS A 45 -10.85 -24.65 3.77
CA LYS A 45 -10.68 -24.15 5.12
C LYS A 45 -9.23 -23.94 5.58
N ARG A 46 -8.30 -24.66 4.97
CA ARG A 46 -6.88 -24.56 5.34
C ARG A 46 -6.05 -23.64 4.46
N SER A 47 -5.02 -23.05 5.05
CA SER A 47 -4.11 -22.16 4.36
C SER A 47 -2.77 -22.21 5.09
N ARG A 48 -1.70 -21.90 4.36
CA ARG A 48 -0.36 -21.89 4.93
C ARG A 48 0.09 -20.44 5.02
N TRP A 49 0.42 -20.01 6.23
CA TRP A 49 0.84 -18.65 6.51
C TRP A 49 2.34 -18.58 6.74
N THR A 50 2.97 -17.52 6.24
CA THR A 50 4.41 -17.36 6.39
C THR A 50 4.76 -15.92 6.77
N VAL A 51 5.79 -15.78 7.60
CA VAL A 51 6.25 -14.47 8.03
C VAL A 51 7.77 -14.51 8.00
N GLU A 52 8.39 -13.33 7.87
CA GLU A 52 9.84 -13.23 7.86
C GLU A 52 10.38 -13.56 9.25
N ALA A 53 11.61 -14.07 9.29
CA ALA A 53 12.26 -14.40 10.56
C ALA A 53 13.75 -14.24 10.36
N PRO A 54 14.44 -13.64 11.34
CA PRO A 54 15.89 -13.41 11.25
C PRO A 54 16.68 -14.71 11.04
N ALA A 55 17.96 -14.56 10.73
CA ALA A 55 18.82 -15.73 10.54
C ALA A 55 18.89 -16.43 11.88
N PRO A 56 18.99 -17.77 11.88
CA PRO A 56 19.05 -18.64 10.70
C PRO A 56 17.70 -19.04 10.11
N LEU A 57 16.63 -18.87 10.89
CA LEU A 57 15.28 -19.24 10.45
C LEU A 57 14.85 -18.77 9.06
N GLY A 58 15.12 -17.51 8.72
CA GLY A 58 14.73 -16.99 7.43
C GLY A 58 13.24 -16.68 7.38
N THR A 59 12.42 -17.72 7.59
CA THR A 59 10.97 -17.55 7.60
C THR A 59 10.41 -18.54 8.60
N VAL A 60 9.16 -18.34 8.96
CA VAL A 60 8.47 -19.23 9.87
C VAL A 60 7.12 -19.44 9.21
N SER A 61 6.75 -20.69 9.03
CA SER A 61 5.50 -21.03 8.38
C SER A 61 4.64 -21.91 9.28
N TRP A 62 3.33 -21.88 9.05
CA TRP A 62 2.40 -22.70 9.81
C TRP A 62 1.10 -22.76 9.04
N GLU A 63 0.22 -23.67 9.43
CA GLU A 63 -1.05 -23.80 8.75
C GLU A 63 -2.13 -23.29 9.68
N ALA A 64 -3.22 -22.81 9.09
CA ALA A 64 -4.33 -22.28 9.87
C ALA A 64 -5.63 -22.57 9.15
N GLU A 65 -6.73 -22.54 9.90
CA GLU A 65 -8.04 -22.78 9.31
C GLU A 65 -9.01 -21.67 9.67
N LEU A 66 -10.03 -21.50 8.85
CA LEU A 66 -11.04 -20.49 9.11
C LEU A 66 -12.00 -21.06 10.15
N THR A 67 -12.23 -20.33 11.23
CA THR A 67 -13.14 -20.79 12.28
C THR A 67 -14.51 -20.17 12.07
N ALA A 68 -14.54 -19.12 11.24
CA ALA A 68 -15.79 -18.45 10.94
C ALA A 68 -15.67 -17.66 9.65
N ASP A 69 -16.76 -17.65 8.87
CA ASP A 69 -16.78 -16.92 7.62
C ASP A 69 -18.21 -16.56 7.25
N GLU A 70 -18.56 -15.30 7.51
CA GLU A 70 -19.89 -14.79 7.24
C GLU A 70 -19.75 -13.62 6.28
N PRO A 71 -20.10 -13.82 5.01
CA PRO A 71 -20.00 -12.75 4.01
C PRO A 71 -20.53 -11.41 4.51
N GLY A 72 -19.71 -10.38 4.37
CA GLY A 72 -20.09 -9.04 4.80
C GLY A 72 -20.17 -8.83 6.29
N LYS A 73 -19.86 -9.87 7.07
CA LYS A 73 -19.93 -9.77 8.52
C LYS A 73 -18.66 -10.14 9.29
N ARG A 74 -18.08 -11.29 8.99
CA ARG A 74 -16.88 -11.70 9.69
C ARG A 74 -16.08 -12.83 9.07
N ILE A 75 -14.79 -12.83 9.36
CA ILE A 75 -13.85 -13.83 8.90
C ILE A 75 -12.93 -14.08 10.10
N ALA A 76 -12.75 -15.33 10.49
CA ALA A 76 -11.90 -15.66 11.62
C ALA A 76 -11.04 -16.86 11.30
N TRP A 77 -9.87 -16.92 11.93
CA TRP A 77 -8.96 -18.02 11.67
C TRP A 77 -8.11 -18.28 12.91
N ARG A 78 -7.52 -19.47 12.95
CA ARG A 78 -6.66 -19.83 14.06
C ARG A 78 -5.71 -20.92 13.60
N SER A 79 -4.47 -20.87 14.09
CA SER A 79 -3.47 -21.84 13.72
C SER A 79 -3.93 -23.22 14.19
N LEU A 80 -3.47 -24.26 13.54
CA LEU A 80 -3.85 -25.61 13.94
C LEU A 80 -2.95 -26.06 15.08
N PRO A 81 -3.39 -27.07 15.85
CA PRO A 81 -2.59 -27.56 16.97
C PRO A 81 -1.23 -28.04 16.46
N GLY A 82 -0.17 -27.52 17.05
CA GLY A 82 1.16 -27.91 16.62
C GLY A 82 1.85 -26.88 15.75
N ALA A 83 1.09 -25.85 15.34
CA ALA A 83 1.67 -24.80 14.51
C ALA A 83 2.81 -24.20 15.30
N ARG A 84 3.84 -23.72 14.62
CA ARG A 84 4.97 -23.12 15.32
C ARG A 84 4.46 -22.01 16.22
N ILE A 85 4.09 -20.89 15.60
CA ILE A 85 3.57 -19.73 16.32
C ILE A 85 2.06 -19.81 16.50
N GLU A 86 1.63 -20.01 17.74
CA GLU A 86 0.21 -20.12 18.08
C GLU A 86 -0.48 -18.78 17.88
N ASN A 87 -1.43 -18.70 16.95
CA ASN A 87 -2.11 -17.43 16.71
C ASN A 87 -3.53 -17.55 16.17
N SER A 88 -4.27 -16.45 16.28
CA SER A 88 -5.63 -16.41 15.78
C SER A 88 -5.88 -14.97 15.34
N GLY A 89 -6.99 -14.77 14.65
CA GLY A 89 -7.33 -13.45 14.18
C GLY A 89 -8.80 -13.44 13.82
N GLU A 90 -9.36 -12.23 13.77
CA GLU A 90 -10.77 -12.07 13.43
C GLU A 90 -10.99 -10.65 12.93
N VAL A 91 -11.66 -10.56 11.79
CA VAL A 91 -11.98 -9.28 11.19
C VAL A 91 -13.50 -9.16 11.16
N LEU A 92 -14.01 -8.02 11.65
CA LEU A 92 -15.44 -7.76 11.66
C LEU A 92 -15.77 -6.56 10.81
N PHE A 93 -16.94 -6.61 10.17
CA PHE A 93 -17.43 -5.53 9.35
C PHE A 93 -18.75 -5.18 10.00
N ARG A 94 -18.77 -4.05 10.70
CA ARG A 94 -19.96 -3.63 11.42
C ARG A 94 -20.46 -2.27 10.97
N PRO A 95 -21.79 -2.08 10.97
CA PRO A 95 -22.31 -0.78 10.54
C PRO A 95 -21.84 0.28 11.53
N ALA A 96 -21.32 1.38 11.00
CA ALA A 96 -20.82 2.47 11.84
C ALA A 96 -21.98 3.36 12.24
N PRO A 97 -21.97 3.87 13.48
CA PRO A 97 -23.04 4.74 13.97
C PRO A 97 -23.21 6.07 13.24
N GLY A 98 -22.10 6.73 12.94
CA GLY A 98 -22.18 8.02 12.24
C GLY A 98 -23.21 8.04 11.12
N ALA A 99 -22.75 7.75 9.91
CA ALA A 99 -23.61 7.73 8.73
C ALA A 99 -23.45 6.41 7.99
N ARG A 100 -23.43 6.47 6.67
CA ARG A 100 -23.29 5.27 5.87
C ARG A 100 -21.81 4.91 5.73
N GLY A 101 -21.37 3.99 6.60
CA GLY A 101 -19.99 3.57 6.57
C GLY A 101 -19.84 2.24 7.30
N THR A 102 -18.72 1.56 7.06
CA THR A 102 -18.48 0.29 7.70
C THR A 102 -17.26 0.35 8.60
N GLU A 103 -17.43 -0.08 9.84
CA GLU A 103 -16.32 -0.10 10.78
C GLU A 103 -15.65 -1.45 10.65
N VAL A 104 -14.34 -1.44 10.40
CA VAL A 104 -13.60 -2.68 10.27
C VAL A 104 -12.76 -2.85 11.52
N VAL A 105 -13.08 -3.89 12.28
CA VAL A 105 -12.40 -4.20 13.53
C VAL A 105 -11.50 -5.41 13.36
N VAL A 106 -10.22 -5.25 13.69
CA VAL A 106 -9.26 -6.34 13.56
C VAL A 106 -8.64 -6.72 14.88
N ARG A 107 -8.72 -8.01 15.21
CA ARG A 107 -8.14 -8.50 16.47
C ARG A 107 -7.29 -9.72 16.20
N LEU A 108 -6.01 -9.62 16.54
CA LEU A 108 -5.06 -10.70 16.35
C LEU A 108 -4.50 -11.13 17.70
N THR A 109 -4.18 -12.42 17.81
CA THR A 109 -3.62 -12.95 19.04
C THR A 109 -2.48 -13.86 18.65
N TYR A 110 -1.46 -13.90 19.50
CA TYR A 110 -0.29 -14.75 19.26
C TYR A 110 0.39 -15.03 20.61
N ARG A 111 0.78 -16.27 20.83
CA ARG A 111 1.42 -16.64 22.08
C ARG A 111 2.37 -17.83 21.92
N GLU A 128 6.41 -1.53 16.61
CA GLU A 128 5.47 -2.24 17.48
C GLU A 128 4.25 -2.70 16.67
N PRO A 129 3.76 -3.93 16.95
CA PRO A 129 2.60 -4.49 16.26
C PRO A 129 1.38 -3.56 16.18
N SER A 130 0.97 -3.01 17.31
CA SER A 130 -0.19 -2.13 17.32
C SER A 130 -0.01 -0.98 16.34
N GLN A 131 1.19 -0.40 16.32
CA GLN A 131 1.49 0.70 15.41
C GLN A 131 1.46 0.24 13.95
N GLN A 132 1.97 -0.95 13.69
CA GLN A 132 1.99 -1.47 12.33
C GLN A 132 0.59 -1.78 11.83
N LEU A 133 -0.27 -2.29 12.72
CA LEU A 133 -1.64 -2.60 12.32
C LEU A 133 -2.44 -1.31 12.10
N ARG A 134 -2.20 -0.31 12.95
CA ARG A 134 -2.90 0.95 12.81
C ARG A 134 -2.59 1.50 11.41
N ASP A 135 -1.29 1.61 11.11
CA ASP A 135 -0.85 2.11 9.81
C ASP A 135 -1.44 1.31 8.66
N ASP A 136 -1.45 -0.02 8.79
CA ASP A 136 -2.00 -0.89 7.75
C ASP A 136 -3.48 -0.59 7.48
N LEU A 137 -4.27 -0.48 8.55
CA LEU A 137 -5.69 -0.19 8.42
C LEU A 137 -5.98 1.20 7.88
N MET A 138 -5.21 2.19 8.33
CA MET A 138 -5.43 3.55 7.82
C MET A 138 -5.12 3.56 6.33
N ARG A 139 -4.03 2.90 5.94
CA ARG A 139 -3.66 2.82 4.53
C ARG A 139 -4.82 2.18 3.76
N PHE A 140 -5.35 1.08 4.29
CA PHE A 140 -6.48 0.38 3.67
C PHE A 140 -7.66 1.34 3.53
N LYS A 141 -7.93 2.09 4.59
CA LYS A 141 -9.03 3.05 4.59
C LYS A 141 -8.83 4.02 3.44
N ARG A 142 -7.67 4.65 3.43
CA ARG A 142 -7.32 5.63 2.41
C ARG A 142 -7.50 5.10 1.00
N GLU A 143 -6.93 3.94 0.70
CA GLU A 143 -7.06 3.39 -0.64
C GLU A 143 -8.52 3.24 -1.04
N GLN A 144 -9.31 2.59 -0.18
CA GLN A 144 -10.73 2.39 -0.46
C GLN A 144 -11.52 3.68 -0.65
N GLU A 145 -11.26 4.67 0.20
CA GLU A 145 -11.98 5.94 0.12
C GLU A 145 -11.59 6.84 -1.03
N LEU A 146 -10.42 6.60 -1.62
CA LEU A 146 -9.97 7.40 -2.74
C LEU A 146 -10.26 6.65 -4.03
N GLY A 147 -10.41 5.33 -3.91
CA GLY A 147 -10.67 4.50 -5.08
C GLY A 147 -9.41 3.84 -5.61
N LEU A 148 -8.46 3.59 -4.71
CA LEU A 148 -7.19 2.97 -5.05
C LEU A 148 -6.59 3.59 -6.31
N GLU B 3 10.73 25.96 -0.51
CA GLU B 3 11.71 25.01 -1.11
C GLU B 3 11.71 23.69 -0.34
N THR B 4 11.34 22.61 -1.03
CA THR B 4 11.31 21.29 -0.41
C THR B 4 11.74 20.22 -1.41
N VAL B 5 13.01 19.84 -1.34
CA VAL B 5 13.56 18.83 -2.24
C VAL B 5 13.65 17.48 -1.54
N VAL B 6 13.30 16.42 -2.25
CA VAL B 6 13.33 15.08 -1.69
C VAL B 6 13.86 14.07 -2.70
N ARG B 7 14.80 13.23 -2.25
CA ARG B 7 15.39 12.22 -3.11
C ARG B 7 15.68 10.94 -2.34
N ASP B 8 15.31 9.81 -2.93
CA ASP B 8 15.53 8.52 -2.31
C ASP B 8 15.68 7.50 -3.44
N ALA B 9 16.20 6.34 -3.10
CA ALA B 9 16.38 5.28 -4.07
C ALA B 9 16.25 3.95 -3.35
N VAL B 10 15.79 2.95 -4.09
CA VAL B 10 15.63 1.62 -3.54
C VAL B 10 15.96 0.67 -4.68
N THR B 11 16.63 -0.41 -4.34
CA THR B 11 17.01 -1.40 -5.33
C THR B 11 15.99 -2.53 -5.22
N ILE B 12 15.46 -2.93 -6.36
CA ILE B 12 14.46 -3.99 -6.39
C ILE B 12 14.83 -5.09 -7.36
N GLY B 13 14.68 -6.34 -6.91
CA GLY B 13 15.03 -7.47 -7.75
C GLY B 13 14.05 -7.79 -8.86
N LYS B 14 13.69 -6.79 -9.64
CA LYS B 14 12.77 -6.98 -10.77
C LYS B 14 13.26 -6.19 -11.98
N PRO B 15 12.85 -6.60 -13.20
CA PRO B 15 13.26 -5.91 -14.43
C PRO B 15 12.77 -4.46 -14.47
N ALA B 16 13.56 -3.59 -15.10
CA ALA B 16 13.23 -2.17 -15.20
C ALA B 16 11.86 -1.88 -15.84
N GLU B 17 11.60 -2.52 -16.99
CA GLU B 17 10.34 -2.33 -17.70
C GLU B 17 9.13 -2.53 -16.79
N GLN B 18 9.15 -3.60 -16.02
CA GLN B 18 8.04 -3.91 -15.13
C GLN B 18 7.80 -2.79 -14.12
N LEU B 19 8.87 -2.34 -13.46
CA LEU B 19 8.77 -1.29 -12.45
C LEU B 19 8.31 0.02 -13.08
N TYR B 20 8.86 0.31 -14.26
CA TYR B 20 8.50 1.52 -15.00
C TYR B 20 7.01 1.49 -15.29
N ALA B 21 6.51 0.30 -15.62
CA ALA B 21 5.10 0.11 -15.96
C ALA B 21 4.14 0.56 -14.85
N VAL B 22 4.51 0.28 -13.61
CA VAL B 22 3.66 0.67 -12.49
C VAL B 22 3.64 2.19 -12.39
N TRP B 23 4.83 2.79 -12.32
CA TRP B 23 4.94 4.24 -12.21
C TRP B 23 4.30 5.02 -13.37
N ARG B 24 4.36 4.48 -14.57
CA ARG B 24 3.79 5.14 -15.74
C ARG B 24 2.26 5.25 -15.68
N ASP B 25 1.63 4.40 -14.87
CA ASP B 25 0.18 4.43 -14.69
C ASP B 25 -0.09 5.58 -13.72
N LEU B 26 -0.19 6.78 -14.28
CA LEU B 26 -0.37 7.98 -13.47
C LEU B 26 -1.48 7.94 -12.42
N PRO B 27 -2.70 7.52 -12.80
CA PRO B 27 -3.77 7.49 -11.80
C PRO B 27 -3.47 6.61 -10.59
N GLY B 28 -2.54 5.66 -10.74
CA GLY B 28 -2.19 4.80 -9.63
C GLY B 28 -1.06 5.36 -8.79
N LEU B 29 -0.53 6.51 -9.20
CA LEU B 29 0.58 7.12 -8.46
C LEU B 29 0.29 7.35 -6.99
N PRO B 30 -0.95 7.73 -6.65
CA PRO B 30 -1.30 7.97 -5.23
C PRO B 30 -1.03 6.76 -4.32
N LEU B 31 -0.93 5.58 -4.91
CA LEU B 31 -0.66 4.37 -4.14
C LEU B 31 0.85 4.32 -3.89
N LEU B 32 1.62 4.81 -4.85
CA LEU B 32 3.08 4.85 -4.76
C LEU B 32 3.55 6.03 -3.92
N MET B 33 3.02 7.22 -4.22
CA MET B 33 3.36 8.44 -3.49
C MET B 33 2.13 8.82 -2.66
N THR B 34 2.16 8.46 -1.38
CA THR B 34 1.02 8.70 -0.50
C THR B 34 0.64 10.15 -0.20
N HIS B 35 1.53 11.10 -0.47
CA HIS B 35 1.18 12.50 -0.21
C HIS B 35 0.18 13.03 -1.24
N LEU B 36 0.03 12.30 -2.34
CA LEU B 36 -0.88 12.69 -3.41
C LEU B 36 -2.26 12.12 -3.18
N ARG B 37 -3.29 12.89 -3.52
CA ARG B 37 -4.67 12.44 -3.36
C ARG B 37 -5.14 11.82 -4.67
N SER B 38 -4.89 12.51 -5.78
CA SER B 38 -5.31 12.01 -7.08
C SER B 38 -4.48 12.57 -8.25
N VAL B 39 -4.42 11.79 -9.32
CA VAL B 39 -3.72 12.16 -10.53
C VAL B 39 -4.66 11.78 -11.67
N GLU B 40 -5.04 12.76 -12.47
CA GLU B 40 -5.96 12.56 -13.58
C GLU B 40 -5.31 12.88 -14.93
N VAL B 41 -5.45 11.98 -15.90
CA VAL B 41 -4.88 12.21 -17.21
C VAL B 41 -5.79 13.16 -18.00
N LEU B 42 -5.19 14.14 -18.67
CA LEU B 42 -5.96 15.11 -19.47
C LEU B 42 -5.68 14.87 -20.96
N ASP B 43 -4.54 14.23 -21.24
CA ASP B 43 -4.13 13.88 -22.59
C ASP B 43 -2.74 13.24 -22.48
N ASP B 44 -2.19 12.82 -23.61
CA ASP B 44 -0.89 12.16 -23.65
C ASP B 44 0.19 12.79 -22.77
N LYS B 45 0.25 14.11 -22.72
CA LYS B 45 1.29 14.77 -21.93
C LYS B 45 0.82 15.49 -20.67
N ARG B 46 -0.45 15.84 -20.59
CA ARG B 46 -0.95 16.58 -19.43
C ARG B 46 -1.81 15.78 -18.46
N SER B 47 -1.78 16.23 -17.21
CA SER B 47 -2.54 15.60 -16.14
C SER B 47 -2.84 16.61 -15.04
N ARG B 48 -3.88 16.33 -14.25
CA ARG B 48 -4.28 17.20 -13.15
C ARG B 48 -3.93 16.50 -11.84
N TRP B 49 -3.16 17.17 -10.99
CA TRP B 49 -2.76 16.61 -9.72
C TRP B 49 -3.52 17.28 -8.57
N THR B 50 -3.70 16.54 -7.48
CA THR B 50 -4.42 17.03 -6.30
C THR B 50 -3.86 16.44 -5.01
N VAL B 51 -3.76 17.28 -3.98
CA VAL B 51 -3.27 16.88 -2.66
C VAL B 51 -4.21 17.41 -1.58
N GLU B 52 -4.18 16.78 -0.41
CA GLU B 52 -5.01 17.18 0.73
C GLU B 52 -4.49 18.42 1.45
N ALA B 53 -5.23 19.52 1.33
CA ALA B 53 -4.83 20.77 1.98
C ALA B 53 -5.42 20.86 3.39
N PRO B 54 -4.71 21.56 4.27
CA PRO B 54 -5.12 21.74 5.66
C PRO B 54 -6.56 22.25 5.78
N ALA B 55 -7.18 21.98 6.92
CA ALA B 55 -8.55 22.37 7.21
C ALA B 55 -8.93 23.76 6.69
N PRO B 56 -8.00 24.70 6.78
CA PRO B 56 -8.26 26.05 6.28
C PRO B 56 -8.78 25.92 4.86
N LEU B 57 -8.03 25.20 4.04
CA LEU B 57 -8.39 24.96 2.64
C LEU B 57 -9.23 23.69 2.54
N GLY B 58 -8.63 22.62 2.01
CA GLY B 58 -9.33 21.36 1.87
C GLY B 58 -8.71 20.44 0.82
N THR B 59 -8.44 21.00 -0.35
CA THR B 59 -7.85 20.24 -1.45
C THR B 59 -7.25 21.21 -2.46
N VAL B 60 -5.98 20.99 -2.82
CA VAL B 60 -5.30 21.85 -3.79
C VAL B 60 -4.87 21.05 -5.01
N SER B 61 -5.22 21.55 -6.19
CA SER B 61 -4.87 20.87 -7.43
C SER B 61 -4.22 21.80 -8.44
N TRP B 62 -3.49 21.21 -9.38
CA TRP B 62 -2.80 21.98 -10.41
C TRP B 62 -2.62 21.08 -11.61
N GLU B 63 -2.27 21.68 -12.74
CA GLU B 63 -2.06 20.92 -13.95
C GLU B 63 -0.55 20.72 -14.12
N ALA B 64 -0.17 19.55 -14.61
CA ALA B 64 1.23 19.24 -14.84
C ALA B 64 1.40 18.57 -16.20
N GLU B 65 2.65 18.44 -16.63
CA GLU B 65 2.94 17.79 -17.91
C GLU B 65 4.17 16.89 -17.80
N LEU B 66 4.19 15.80 -18.56
CA LEU B 66 5.35 14.92 -18.55
C LEU B 66 6.41 15.62 -19.38
N THR B 67 7.64 15.72 -18.86
CA THR B 67 8.71 16.37 -19.61
C THR B 67 9.64 15.32 -20.21
N ALA B 68 9.46 14.07 -19.78
CA ALA B 68 10.28 12.96 -20.27
C ALA B 68 9.60 11.65 -19.94
N ASP B 69 9.51 10.78 -20.93
CA ASP B 69 8.91 9.47 -20.75
C ASP B 69 9.65 8.50 -21.65
N GLU B 70 10.70 7.90 -21.09
CA GLU B 70 11.53 6.94 -21.79
C GLU B 70 11.20 5.57 -21.22
N PRO B 71 10.40 4.78 -21.96
CA PRO B 71 10.00 3.45 -21.52
C PRO B 71 11.10 2.67 -20.80
N GLY B 72 10.78 2.22 -19.59
CA GLY B 72 11.71 1.45 -18.79
C GLY B 72 12.96 2.15 -18.33
N LYS B 73 13.03 3.47 -18.52
CA LYS B 73 14.22 4.23 -18.11
C LYS B 73 13.97 5.42 -17.21
N ARG B 74 13.03 6.27 -17.62
CA ARG B 74 12.76 7.46 -16.84
C ARG B 74 11.43 8.12 -17.14
N ILE B 75 10.90 8.79 -16.13
CA ILE B 75 9.65 9.52 -16.24
C ILE B 75 9.88 10.81 -15.46
N ALA B 76 9.60 11.95 -16.08
CA ALA B 76 9.79 13.25 -15.43
C ALA B 76 8.56 14.12 -15.69
N TRP B 77 8.21 14.93 -14.70
CA TRP B 77 7.05 15.81 -14.81
C TRP B 77 7.27 17.14 -14.10
N ARG B 78 6.46 18.13 -14.45
CA ARG B 78 6.57 19.44 -13.83
C ARG B 78 5.25 20.20 -13.94
N SER B 79 4.97 20.99 -12.90
CA SER B 79 3.75 21.78 -12.87
C SER B 79 3.86 22.84 -13.96
N LEU B 80 2.72 23.22 -14.53
CA LEU B 80 2.69 24.24 -15.56
C LEU B 80 2.72 25.60 -14.84
N PRO B 81 3.06 26.68 -15.56
CA PRO B 81 3.11 28.01 -14.96
C PRO B 81 1.72 28.39 -14.44
N GLY B 82 1.67 29.04 -13.27
CA GLY B 82 0.40 29.44 -12.70
C GLY B 82 -0.16 28.42 -11.73
N ALA B 83 0.48 27.25 -11.66
CA ALA B 83 0.04 26.18 -10.77
C ALA B 83 0.01 26.64 -9.32
N ARG B 84 -1.05 26.29 -8.60
CA ARG B 84 -1.18 26.66 -7.20
C ARG B 84 0.05 26.22 -6.43
N ILE B 85 0.63 25.10 -6.84
CA ILE B 85 1.81 24.56 -6.19
C ILE B 85 2.86 24.19 -7.21
N GLU B 86 4.03 24.80 -7.09
CA GLU B 86 5.13 24.51 -8.00
C GLU B 86 5.73 23.18 -7.57
N ASN B 87 5.88 22.27 -8.52
CA ASN B 87 6.47 20.99 -8.21
C ASN B 87 6.93 20.27 -9.46
N SER B 88 7.91 19.40 -9.27
CA SER B 88 8.45 18.62 -10.37
C SER B 88 8.82 17.27 -9.77
N GLY B 89 9.10 16.31 -10.65
CA GLY B 89 9.46 15.00 -10.17
C GLY B 89 10.20 14.25 -11.25
N GLU B 90 10.96 13.25 -10.82
CA GLU B 90 11.73 12.44 -11.76
C GLU B 90 11.98 11.08 -11.13
N VAL B 91 11.67 10.03 -11.87
CA VAL B 91 11.92 8.69 -11.37
C VAL B 91 12.77 8.00 -12.43
N LEU B 92 13.92 7.49 -12.01
CA LEU B 92 14.81 6.78 -12.92
C LEU B 92 14.78 5.30 -12.59
N PHE B 93 15.05 4.47 -13.60
CA PHE B 93 15.08 3.02 -13.43
C PHE B 93 16.45 2.62 -13.97
N ARG B 94 17.40 2.47 -13.05
CA ARG B 94 18.77 2.15 -13.42
C ARG B 94 19.20 0.76 -13.02
N PRO B 95 20.20 0.22 -13.74
CA PRO B 95 20.70 -1.12 -13.44
C PRO B 95 21.42 -1.07 -12.10
N ALA B 96 21.09 -1.99 -11.19
CA ALA B 96 21.73 -2.03 -9.89
C ALA B 96 23.15 -2.56 -10.00
N PRO B 97 24.14 -1.84 -9.42
CA PRO B 97 25.53 -2.24 -9.45
C PRO B 97 25.75 -3.71 -9.08
N GLY B 98 25.36 -4.06 -7.86
CA GLY B 98 25.53 -5.43 -7.41
C GLY B 98 25.45 -6.44 -8.55
N ALA B 99 24.23 -6.76 -8.94
CA ALA B 99 23.98 -7.71 -10.01
C ALA B 99 22.47 -7.92 -10.10
N ARG B 100 21.90 -7.75 -11.29
CA ARG B 100 20.47 -7.92 -11.47
C ARG B 100 19.73 -6.90 -10.61
N GLY B 101 18.43 -6.80 -10.82
CA GLY B 101 17.66 -5.84 -10.05
C GLY B 101 17.81 -4.44 -10.61
N THR B 102 16.82 -3.60 -10.30
CA THR B 102 16.80 -2.23 -10.78
C THR B 102 16.77 -1.27 -9.61
N GLU B 103 17.55 -0.20 -9.71
CA GLU B 103 17.54 0.79 -8.65
C GLU B 103 16.61 1.90 -9.09
N VAL B 104 15.51 2.07 -8.36
CA VAL B 104 14.53 3.11 -8.65
C VAL B 104 14.95 4.35 -7.87
N VAL B 105 15.19 5.45 -8.59
CA VAL B 105 15.59 6.69 -7.94
C VAL B 105 14.47 7.72 -8.10
N VAL B 106 14.02 8.27 -6.98
CA VAL B 106 12.93 9.25 -7.02
C VAL B 106 13.37 10.59 -6.47
N ARG B 107 13.09 11.66 -7.21
CA ARG B 107 13.43 13.01 -6.81
C ARG B 107 12.21 13.91 -6.99
N LEU B 108 11.72 14.48 -5.88
CA LEU B 108 10.55 15.35 -5.90
C LEU B 108 10.87 16.71 -5.30
N THR B 109 10.31 17.75 -5.91
CA THR B 109 10.50 19.12 -5.43
C THR B 109 9.14 19.79 -5.37
N TYR B 110 8.86 20.48 -4.27
CA TYR B 110 7.58 21.17 -4.10
C TYR B 110 7.82 22.53 -3.46
N ARG B 111 7.02 23.51 -3.87
CA ARG B 111 7.17 24.86 -3.33
C ARG B 111 5.81 25.54 -3.19
N PRO B 112 5.19 25.38 -2.03
CA PRO B 112 3.90 26.00 -1.80
C PRO B 112 4.06 27.52 -1.90
N PRO B 113 2.94 28.23 -1.97
CA PRO B 113 2.98 29.69 -2.07
C PRO B 113 3.00 30.34 -0.69
N PRO B 129 8.49 14.47 5.03
CA PRO B 129 8.55 14.37 3.58
C PRO B 129 9.41 13.19 3.14
N SER B 130 10.71 13.24 3.47
CA SER B 130 11.62 12.17 3.07
C SER B 130 11.34 10.85 3.79
N GLN B 131 10.75 10.91 4.98
CA GLN B 131 10.44 9.67 5.68
C GLN B 131 9.24 9.01 5.02
N GLN B 132 8.29 9.81 4.56
CA GLN B 132 7.10 9.26 3.91
C GLN B 132 7.50 8.63 2.59
N LEU B 133 8.38 9.30 1.83
CA LEU B 133 8.84 8.76 0.57
C LEU B 133 9.57 7.44 0.81
N ARG B 134 10.47 7.41 1.80
CA ARG B 134 11.19 6.18 2.14
C ARG B 134 10.23 5.03 2.37
N ASP B 135 9.22 5.25 3.22
CA ASP B 135 8.23 4.23 3.52
C ASP B 135 7.52 3.77 2.25
N ASP B 136 7.08 4.72 1.42
CA ASP B 136 6.38 4.38 0.18
C ASP B 136 7.25 3.49 -0.72
N LEU B 137 8.53 3.84 -0.83
CA LEU B 137 9.46 3.08 -1.66
C LEU B 137 9.71 1.68 -1.11
N MET B 138 9.83 1.56 0.21
CA MET B 138 10.07 0.26 0.81
C MET B 138 8.85 -0.65 0.62
N ARG B 139 7.66 -0.09 0.74
CA ARG B 139 6.46 -0.90 0.53
C ARG B 139 6.40 -1.35 -0.93
N PHE B 140 6.74 -0.44 -1.84
CA PHE B 140 6.76 -0.74 -3.26
C PHE B 140 7.73 -1.88 -3.54
N LYS B 141 8.87 -1.87 -2.85
CA LYS B 141 9.87 -2.91 -3.00
C LYS B 141 9.31 -4.26 -2.52
N ARG B 142 8.78 -4.27 -1.30
CA ARG B 142 8.22 -5.49 -0.72
C ARG B 142 7.09 -6.05 -1.58
N GLU B 143 6.19 -5.16 -2.01
CA GLU B 143 5.05 -5.57 -2.82
C GLU B 143 5.48 -6.19 -4.14
N GLN B 144 6.44 -5.56 -4.80
CA GLN B 144 6.93 -6.08 -6.08
C GLN B 144 7.68 -7.39 -5.90
N GLU B 145 8.59 -7.44 -4.93
CA GLU B 145 9.39 -8.65 -4.71
C GLU B 145 8.57 -9.85 -4.22
N LEU B 146 7.39 -9.60 -3.65
CA LEU B 146 6.54 -10.69 -3.19
C LEU B 146 5.54 -11.05 -4.27
N GLY B 147 5.23 -10.10 -5.14
CA GLY B 147 4.30 -10.36 -6.22
C GLY B 147 2.84 -10.09 -5.91
N LEU B 148 2.55 -9.54 -4.73
CA LEU B 148 1.16 -9.25 -4.39
C LEU B 148 0.67 -7.94 -5.02
#